data_2AXK
#
_entry.id   2AXK
#
_entity_poly.entity_id   1
_entity_poly.type   'polypeptide(L)'
_entity_poly.pdbx_seq_one_letter_code
;(PCA)IDTNVKCSGSSKCVKICIDRYNTRGAKCINGRCTCYP
;
_entity_poly.pdbx_strand_id   A
#
# COMPACT_ATOMS: atom_id res chain seq x y z
N ILE A 2 -4.21 1.48 -6.85
CA ILE A 2 -2.77 1.26 -6.90
C ILE A 2 -2.40 -0.14 -6.44
N ASP A 3 -2.13 -1.01 -7.40
CA ASP A 3 -1.70 -2.37 -7.12
C ASP A 3 -0.29 -2.58 -7.64
N THR A 4 0.67 -2.54 -6.74
CA THR A 4 2.07 -2.66 -7.10
C THR A 4 2.52 -4.11 -7.08
N ASN A 5 1.58 -5.02 -6.81
CA ASN A 5 1.87 -6.45 -6.71
C ASN A 5 2.93 -6.69 -5.64
N VAL A 6 2.67 -6.14 -4.46
CA VAL A 6 3.59 -6.19 -3.35
C VAL A 6 2.89 -6.79 -2.14
N LYS A 7 3.40 -7.92 -1.68
CA LYS A 7 2.83 -8.61 -0.53
C LYS A 7 2.93 -7.74 0.70
N CYS A 8 1.97 -7.86 1.60
CA CYS A 8 1.92 -6.99 2.75
C CYS A 8 2.77 -7.53 3.89
N SER A 9 3.86 -6.84 4.18
CA SER A 9 4.65 -7.08 5.37
C SER A 9 4.05 -6.27 6.52
N GLY A 10 2.73 -6.12 6.46
CA GLY A 10 2.03 -5.22 7.33
C GLY A 10 1.43 -4.07 6.54
N SER A 11 0.13 -3.82 6.73
CA SER A 11 -0.54 -2.74 6.01
C SER A 11 0.09 -1.39 6.35
N SER A 12 0.82 -1.33 7.46
CA SER A 12 1.41 -0.09 7.91
C SER A 12 2.71 0.22 7.17
N LYS A 13 3.18 -0.71 6.35
CA LYS A 13 4.35 -0.47 5.52
C LYS A 13 3.93 0.28 4.26
N CYS A 14 2.92 -0.26 3.59
CA CYS A 14 2.44 0.32 2.34
C CYS A 14 1.89 1.73 2.56
N VAL A 15 1.07 1.90 3.57
CA VAL A 15 0.42 3.19 3.81
C VAL A 15 1.44 4.31 3.98
N LYS A 16 2.63 3.97 4.44
CA LYS A 16 3.68 4.95 4.64
C LYS A 16 4.54 5.12 3.37
N ILE A 17 4.88 4.00 2.74
CA ILE A 17 5.81 4.04 1.61
C ILE A 17 5.08 4.39 0.31
N CYS A 18 3.83 4.02 0.22
CA CYS A 18 3.04 4.31 -0.97
C CYS A 18 2.86 5.81 -1.14
N ILE A 19 3.04 6.54 -0.03
CA ILE A 19 3.03 7.99 -0.06
C ILE A 19 4.21 8.52 -0.87
N ASP A 20 5.35 7.85 -0.72
CA ASP A 20 6.56 8.27 -1.40
C ASP A 20 6.52 7.84 -2.86
N ARG A 21 5.72 6.82 -3.13
CA ARG A 21 5.55 6.29 -4.47
C ARG A 21 4.85 7.29 -5.37
N TYR A 22 3.58 7.54 -5.08
CA TYR A 22 2.74 8.34 -5.97
C TYR A 22 2.26 9.62 -5.30
N ASN A 23 1.07 9.59 -4.73
CA ASN A 23 0.45 10.78 -4.17
C ASN A 23 -0.63 10.40 -3.17
N THR A 24 -0.58 9.18 -2.68
CA THR A 24 -1.64 8.67 -1.83
C THR A 24 -1.18 8.65 -0.37
N ARG A 25 -2.16 8.58 0.52
CA ARG A 25 -1.91 8.53 1.95
C ARG A 25 -2.57 7.31 2.57
N GLY A 26 -3.06 6.42 1.71
CA GLY A 26 -3.81 5.28 2.19
C GLY A 26 -3.51 4.00 1.42
N ALA A 27 -3.00 3.01 2.13
CA ALA A 27 -2.78 1.69 1.56
C ALA A 27 -3.14 0.64 2.59
N LYS A 28 -3.68 -0.48 2.13
CA LYS A 28 -4.13 -1.52 3.03
C LYS A 28 -3.83 -2.90 2.45
N CYS A 29 -3.51 -3.84 3.33
CA CYS A 29 -3.40 -5.23 2.93
C CYS A 29 -4.77 -5.88 3.00
N ILE A 30 -5.32 -6.21 1.83
CA ILE A 30 -6.67 -6.74 1.77
C ILE A 30 -6.70 -8.16 1.23
N ASN A 31 -5.98 -8.39 0.14
CA ASN A 31 -5.96 -9.69 -0.53
C ASN A 31 -4.62 -10.39 -0.31
N GLY A 32 -3.91 -9.95 0.73
CA GLY A 32 -2.62 -10.53 1.04
C GLY A 32 -1.47 -9.66 0.57
N ARG A 33 -1.82 -8.60 -0.14
CA ARG A 33 -0.83 -7.66 -0.61
C ARG A 33 -1.26 -6.24 -0.27
N CYS A 34 -0.34 -5.30 -0.42
CA CYS A 34 -0.62 -3.91 -0.11
C CYS A 34 -1.16 -3.17 -1.33
N THR A 35 -2.42 -2.77 -1.23
CA THR A 35 -3.05 -2.01 -2.28
C THR A 35 -3.34 -0.59 -1.78
N CYS A 36 -3.06 0.41 -2.60
CA CYS A 36 -3.24 1.79 -2.18
C CYS A 36 -4.54 2.34 -2.75
N TYR A 37 -5.33 2.96 -1.88
CA TYR A 37 -6.65 3.46 -2.26
C TYR A 37 -6.73 4.97 -2.02
N PRO A 38 -6.30 5.78 -3.01
CA PRO A 38 -6.34 7.23 -2.93
C PRO A 38 -7.74 7.78 -3.22
N ILE A 2 -4.23 1.89 -6.42
CA ILE A 2 -2.93 1.52 -6.94
C ILE A 2 -2.45 0.26 -6.24
N ASP A 3 -2.13 -0.77 -6.99
CA ASP A 3 -1.66 -2.01 -6.41
C ASP A 3 -0.15 -2.10 -6.59
N THR A 4 0.56 -2.30 -5.51
CA THR A 4 2.01 -2.40 -5.56
C THR A 4 2.41 -3.77 -6.10
N ASN A 5 1.49 -4.72 -5.97
CA ASN A 5 1.70 -6.08 -6.47
C ASN A 5 2.81 -6.72 -5.68
N VAL A 6 2.80 -6.37 -4.42
CA VAL A 6 3.85 -6.72 -3.48
C VAL A 6 3.24 -7.21 -2.17
N LYS A 7 3.46 -8.48 -1.85
CA LYS A 7 2.95 -9.06 -0.61
C LYS A 7 3.55 -8.35 0.60
N CYS A 8 2.75 -8.17 1.62
CA CYS A 8 3.14 -7.36 2.77
C CYS A 8 3.10 -8.16 4.07
N SER A 9 3.80 -7.66 5.07
CA SER A 9 3.73 -8.21 6.41
C SER A 9 2.56 -7.58 7.15
N GLY A 10 2.50 -6.26 7.09
CA GLY A 10 1.39 -5.50 7.62
C GLY A 10 0.98 -4.40 6.67
N SER A 11 -0.22 -3.87 6.84
CA SER A 11 -0.73 -2.85 5.92
C SER A 11 0.13 -1.59 5.94
N SER A 12 0.93 -1.45 7.00
CA SER A 12 1.79 -0.29 7.18
C SER A 12 2.87 -0.18 6.11
N LYS A 13 3.09 -1.27 5.38
CA LYS A 13 4.12 -1.30 4.35
C LYS A 13 3.84 -0.28 3.24
N CYS A 14 2.65 -0.35 2.65
CA CYS A 14 2.34 0.48 1.50
C CYS A 14 1.89 1.87 1.89
N VAL A 15 1.07 1.98 2.93
CA VAL A 15 0.43 3.25 3.29
C VAL A 15 1.44 4.39 3.40
N LYS A 16 2.65 4.08 3.86
CA LYS A 16 3.68 5.09 3.98
C LYS A 16 4.44 5.27 2.66
N ILE A 17 4.82 4.15 2.04
CA ILE A 17 5.70 4.21 0.88
C ILE A 17 4.94 4.62 -0.39
N CYS A 18 3.67 4.29 -0.44
CA CYS A 18 2.83 4.66 -1.57
C CYS A 18 2.69 6.18 -1.67
N ILE A 19 3.03 6.87 -0.58
CA ILE A 19 3.05 8.33 -0.58
C ILE A 19 4.38 8.85 -1.12
N ASP A 20 5.41 8.03 -0.98
CA ASP A 20 6.76 8.43 -1.35
C ASP A 20 6.97 8.16 -2.84
N ARG A 21 6.33 7.11 -3.33
CA ARG A 21 6.46 6.71 -4.72
C ARG A 21 5.42 7.41 -5.58
N TYR A 22 4.19 7.50 -5.08
CA TYR A 22 3.11 8.10 -5.82
C TYR A 22 2.49 9.23 -4.99
N ASN A 23 1.23 9.06 -4.64
CA ASN A 23 0.51 10.00 -3.79
C ASN A 23 -0.75 9.34 -3.26
N THR A 24 -0.73 8.90 -2.01
CA THR A 24 -1.88 8.21 -1.43
C THR A 24 -2.18 8.73 -0.04
N ARG A 25 -3.38 8.46 0.45
CA ARG A 25 -3.72 8.81 1.83
C ARG A 25 -3.65 7.55 2.70
N GLY A 26 -4.11 6.44 2.13
CA GLY A 26 -4.13 5.20 2.86
C GLY A 26 -3.92 4.01 1.96
N ALA A 27 -3.34 2.95 2.53
CA ALA A 27 -3.15 1.71 1.82
C ALA A 27 -3.41 0.56 2.78
N LYS A 28 -4.12 -0.47 2.32
CA LYS A 28 -4.48 -1.57 3.18
C LYS A 28 -4.04 -2.90 2.58
N CYS A 29 -3.54 -3.78 3.41
CA CYS A 29 -3.22 -5.14 3.01
C CYS A 29 -4.49 -5.98 2.98
N ILE A 30 -4.95 -6.30 1.78
CA ILE A 30 -6.26 -6.93 1.63
C ILE A 30 -6.14 -8.32 0.99
N ASN A 31 -5.34 -8.44 -0.06
CA ASN A 31 -5.19 -9.71 -0.77
C ASN A 31 -3.92 -10.43 -0.28
N GLY A 32 -3.43 -9.99 0.86
CA GLY A 32 -2.15 -10.48 1.34
C GLY A 32 -1.05 -9.52 0.96
N ARG A 33 -1.40 -8.63 0.05
CA ARG A 33 -0.53 -7.55 -0.36
C ARG A 33 -1.26 -6.23 -0.13
N CYS A 34 -0.53 -5.13 -0.16
CA CYS A 34 -1.08 -3.86 0.22
C CYS A 34 -1.53 -3.06 -1.01
N THR A 35 -2.82 -2.76 -1.03
CA THR A 35 -3.39 -1.95 -2.09
C THR A 35 -3.55 -0.51 -1.60
N CYS A 36 -3.11 0.44 -2.40
CA CYS A 36 -3.14 1.83 -2.02
C CYS A 36 -4.35 2.51 -2.64
N TYR A 37 -5.05 3.31 -1.86
CA TYR A 37 -6.29 3.92 -2.33
C TYR A 37 -6.14 5.43 -2.44
N PRO A 38 -5.73 5.91 -3.62
CA PRO A 38 -5.61 7.31 -3.94
C PRO A 38 -6.76 7.79 -4.83
N ILE A 2 -4.25 1.74 -7.02
CA ILE A 2 -2.81 1.57 -7.05
C ILE A 2 -2.40 0.25 -6.40
N ASP A 3 -2.09 -0.73 -7.21
CA ASP A 3 -1.63 -2.00 -6.69
C ASP A 3 -0.26 -2.34 -7.25
N THR A 4 0.69 -2.54 -6.36
CA THR A 4 2.04 -2.85 -6.77
C THR A 4 2.29 -4.36 -6.73
N ASN A 5 1.25 -5.11 -6.35
CA ASN A 5 1.34 -6.56 -6.21
C ASN A 5 2.49 -6.94 -5.30
N VAL A 6 2.31 -6.66 -4.02
CA VAL A 6 3.37 -6.83 -3.04
C VAL A 6 2.84 -7.53 -1.81
N LYS A 7 3.26 -8.77 -1.61
CA LYS A 7 2.93 -9.51 -0.39
C LYS A 7 3.21 -8.67 0.84
N CYS A 8 2.17 -8.38 1.59
CA CYS A 8 2.26 -7.44 2.69
C CYS A 8 2.80 -8.11 3.94
N SER A 9 3.57 -7.34 4.70
CA SER A 9 4.02 -7.75 6.01
C SER A 9 3.18 -7.03 7.06
N GLY A 10 1.95 -6.72 6.69
CA GLY A 10 1.07 -5.93 7.51
C GLY A 10 0.30 -4.92 6.69
N SER A 11 0.58 -3.65 6.90
CA SER A 11 -0.07 -2.57 6.15
C SER A 11 0.70 -1.26 6.33
N SER A 12 1.39 -1.14 7.46
CA SER A 12 2.19 0.04 7.75
C SER A 12 3.30 0.25 6.72
N LYS A 13 3.57 -0.80 5.94
CA LYS A 13 4.52 -0.71 4.84
C LYS A 13 3.96 0.18 3.75
N CYS A 14 2.84 -0.24 3.18
CA CYS A 14 2.25 0.44 2.04
C CYS A 14 1.82 1.86 2.37
N VAL A 15 1.10 2.02 3.48
CA VAL A 15 0.51 3.31 3.83
C VAL A 15 1.57 4.43 3.88
N LYS A 16 2.79 4.09 4.28
CA LYS A 16 3.85 5.08 4.37
C LYS A 16 4.55 5.26 3.03
N ILE A 17 5.01 4.16 2.44
CA ILE A 17 5.83 4.24 1.25
C ILE A 17 5.03 4.66 0.03
N CYS A 18 3.77 4.28 -0.02
CA CYS A 18 2.93 4.60 -1.16
C CYS A 18 2.81 6.13 -1.32
N ILE A 19 3.02 6.84 -0.22
CA ILE A 19 3.05 8.29 -0.25
C ILE A 19 4.28 8.81 -0.98
N ASP A 20 5.42 8.14 -0.76
CA ASP A 20 6.70 8.58 -1.31
C ASP A 20 6.80 8.23 -2.78
N ARG A 21 5.91 7.36 -3.23
CA ARG A 21 5.92 6.89 -4.61
C ARG A 21 4.92 7.64 -5.44
N TYR A 22 3.70 7.77 -4.93
CA TYR A 22 2.64 8.40 -5.68
C TYR A 22 2.21 9.68 -4.97
N ASN A 23 1.03 9.67 -4.38
CA ASN A 23 0.57 10.82 -3.63
C ASN A 23 -0.58 10.44 -2.69
N THR A 24 -0.75 9.14 -2.46
CA THR A 24 -1.86 8.68 -1.65
C THR A 24 -1.39 8.27 -0.26
N ARG A 25 -2.19 8.61 0.74
CA ARG A 25 -1.86 8.33 2.12
C ARG A 25 -2.62 7.12 2.62
N GLY A 26 -3.47 6.57 1.77
CA GLY A 26 -4.32 5.47 2.18
C GLY A 26 -3.99 4.20 1.43
N ALA A 27 -3.21 3.35 2.06
CA ALA A 27 -2.86 2.07 1.48
C ALA A 27 -3.06 0.96 2.49
N LYS A 28 -3.73 -0.10 2.07
CA LYS A 28 -4.07 -1.19 2.96
C LYS A 28 -3.74 -2.52 2.28
N CYS A 29 -3.39 -3.50 3.07
CA CYS A 29 -3.21 -4.84 2.57
C CYS A 29 -4.55 -5.56 2.57
N ILE A 30 -4.95 -6.12 1.44
CA ILE A 30 -6.25 -6.74 1.34
C ILE A 30 -6.14 -8.26 1.17
N ASN A 31 -5.70 -8.72 0.00
CA ASN A 31 -5.64 -10.14 -0.28
C ASN A 31 -4.22 -10.67 -0.06
N GLY A 32 -3.59 -10.17 0.99
CA GLY A 32 -2.24 -10.57 1.30
C GLY A 32 -1.21 -9.67 0.64
N ARG A 33 -1.68 -8.63 -0.03
CA ARG A 33 -0.80 -7.67 -0.66
C ARG A 33 -1.25 -6.26 -0.36
N CYS A 34 -0.33 -5.31 -0.45
CA CYS A 34 -0.62 -3.92 -0.15
C CYS A 34 -1.12 -3.17 -1.39
N THR A 35 -2.33 -2.64 -1.29
CA THR A 35 -2.93 -1.87 -2.36
C THR A 35 -3.31 -0.48 -1.85
N CYS A 36 -3.09 0.53 -2.67
CA CYS A 36 -3.36 1.90 -2.29
C CYS A 36 -4.70 2.35 -2.85
N TYR A 37 -5.52 2.96 -2.01
CA TYR A 37 -6.84 3.39 -2.41
C TYR A 37 -6.98 4.90 -2.23
N PRO A 38 -6.53 5.70 -3.22
CA PRO A 38 -6.65 7.15 -3.17
C PRO A 38 -8.09 7.60 -3.42
N ILE A 2 -4.11 2.02 -6.95
CA ILE A 2 -2.69 1.71 -7.02
C ILE A 2 -2.41 0.36 -6.40
N ASP A 3 -2.59 -0.69 -7.18
CA ASP A 3 -2.27 -2.03 -6.72
C ASP A 3 -0.83 -2.35 -7.08
N THR A 4 0.02 -2.35 -6.07
CA THR A 4 1.45 -2.50 -6.27
C THR A 4 1.82 -3.94 -6.59
N ASN A 5 0.96 -4.88 -6.15
CA ASN A 5 1.19 -6.30 -6.30
C ASN A 5 2.38 -6.67 -5.43
N VAL A 6 2.38 -6.06 -4.26
CA VAL A 6 3.48 -6.09 -3.34
C VAL A 6 3.01 -6.61 -1.99
N LYS A 7 3.70 -7.62 -1.49
CA LYS A 7 3.29 -8.30 -0.27
C LYS A 7 3.26 -7.33 0.92
N CYS A 8 2.30 -7.54 1.82
CA CYS A 8 2.12 -6.64 2.94
C CYS A 8 2.62 -7.26 4.24
N SER A 9 3.45 -6.50 4.95
CA SER A 9 3.95 -6.92 6.25
C SER A 9 3.10 -6.34 7.38
N GLY A 10 1.88 -5.95 7.06
CA GLY A 10 0.99 -5.37 8.06
C GLY A 10 0.54 -3.96 7.72
N SER A 11 0.34 -3.73 6.43
CA SER A 11 -0.18 -2.44 5.92
C SER A 11 0.82 -1.29 6.04
N SER A 12 1.60 -1.24 7.11
CA SER A 12 2.62 -0.20 7.28
C SER A 12 3.66 -0.32 6.16
N LYS A 13 3.71 -1.51 5.55
CA LYS A 13 4.54 -1.77 4.39
C LYS A 13 4.20 -0.81 3.25
N CYS A 14 2.89 -0.59 3.04
CA CYS A 14 2.43 0.22 1.92
C CYS A 14 2.12 1.64 2.34
N VAL A 15 1.37 1.80 3.42
CA VAL A 15 0.89 3.12 3.85
C VAL A 15 2.05 4.07 4.19
N LYS A 16 3.26 3.53 4.24
CA LYS A 16 4.43 4.36 4.44
C LYS A 16 5.09 4.69 3.10
N ILE A 17 5.36 3.66 2.30
CA ILE A 17 6.14 3.85 1.08
C ILE A 17 5.28 4.29 -0.11
N CYS A 18 4.04 3.83 -0.15
CA CYS A 18 3.14 4.18 -1.25
C CYS A 18 2.90 5.69 -1.26
N ILE A 19 3.04 6.29 -0.09
CA ILE A 19 2.88 7.73 0.06
C ILE A 19 4.12 8.47 -0.44
N ASP A 20 5.27 7.85 -0.28
CA ASP A 20 6.53 8.43 -0.72
C ASP A 20 6.65 8.30 -2.24
N ARG A 21 6.15 7.17 -2.74
CA ARG A 21 6.22 6.86 -4.16
C ARG A 21 5.22 7.67 -4.98
N TYR A 22 3.95 7.63 -4.59
CA TYR A 22 2.89 8.18 -5.44
C TYR A 22 2.27 9.44 -4.85
N ASN A 23 1.00 9.33 -4.48
CA ASN A 23 0.19 10.48 -4.07
C ASN A 23 -1.01 10.01 -3.24
N THR A 24 -0.92 8.82 -2.69
CA THR A 24 -2.04 8.22 -1.98
C THR A 24 -1.84 8.37 -0.47
N ARG A 25 -2.87 8.02 0.29
CA ARG A 25 -2.77 7.99 1.75
C ARG A 25 -3.56 6.82 2.32
N GLY A 26 -4.20 6.06 1.44
CA GLY A 26 -5.04 4.98 1.87
C GLY A 26 -4.56 3.63 1.35
N ALA A 27 -3.42 3.18 1.83
CA ALA A 27 -2.87 1.90 1.42
C ALA A 27 -3.05 0.88 2.52
N LYS A 28 -3.55 -0.29 2.17
CA LYS A 28 -3.88 -1.31 3.17
C LYS A 28 -3.47 -2.70 2.69
N CYS A 29 -3.16 -3.56 3.66
CA CYS A 29 -2.93 -4.98 3.41
C CYS A 29 -4.28 -5.67 3.32
N ILE A 30 -4.69 -6.05 2.11
CA ILE A 30 -6.06 -6.47 1.87
C ILE A 30 -6.15 -7.81 1.13
N ASN A 31 -5.36 -7.97 0.07
CA ASN A 31 -5.45 -9.17 -0.77
C ASN A 31 -4.23 -10.06 -0.57
N GLY A 32 -3.71 -10.07 0.66
CA GLY A 32 -2.45 -10.75 0.92
C GLY A 32 -1.28 -9.89 0.50
N ARG A 33 -1.62 -8.77 -0.12
CA ARG A 33 -0.65 -7.78 -0.53
C ARG A 33 -1.22 -6.39 -0.29
N CYS A 34 -0.42 -5.37 -0.55
CA CYS A 34 -0.83 -4.00 -0.31
C CYS A 34 -1.40 -3.35 -1.56
N THR A 35 -2.60 -2.81 -1.40
CA THR A 35 -3.25 -2.05 -2.45
C THR A 35 -3.51 -0.64 -1.95
N CYS A 36 -3.16 0.35 -2.76
CA CYS A 36 -3.31 1.75 -2.39
C CYS A 36 -4.57 2.32 -3.03
N TYR A 37 -5.43 2.89 -2.21
CA TYR A 37 -6.69 3.45 -2.69
C TYR A 37 -6.67 4.98 -2.61
N PRO A 38 -6.24 5.65 -3.68
CA PRO A 38 -6.22 7.11 -3.76
C PRO A 38 -7.60 7.68 -4.10
N ILE A 2 -4.41 1.62 -6.58
CA ILE A 2 -3.02 1.20 -6.66
C ILE A 2 -2.88 -0.24 -6.20
N ASP A 3 -2.58 -1.12 -7.14
CA ASP A 3 -2.21 -2.48 -6.80
C ASP A 3 -0.77 -2.72 -7.17
N THR A 4 0.09 -2.65 -6.17
CA THR A 4 1.52 -2.83 -6.36
C THR A 4 1.82 -4.28 -6.72
N ASN A 5 0.90 -5.17 -6.34
CA ASN A 5 1.07 -6.61 -6.50
C ASN A 5 2.31 -7.05 -5.74
N VAL A 6 2.55 -6.37 -4.65
CA VAL A 6 3.72 -6.59 -3.82
C VAL A 6 3.27 -6.90 -2.40
N LYS A 7 3.65 -8.07 -1.93
CA LYS A 7 3.27 -8.55 -0.61
C LYS A 7 3.55 -7.52 0.48
N CYS A 8 2.61 -7.42 1.41
CA CYS A 8 2.72 -6.48 2.51
C CYS A 8 3.35 -7.16 3.72
N SER A 9 3.82 -6.35 4.64
CA SER A 9 4.24 -6.82 5.95
C SER A 9 3.25 -6.28 6.97
N GLY A 10 2.02 -6.10 6.50
CA GLY A 10 1.03 -5.34 7.23
C GLY A 10 0.73 -4.05 6.50
N SER A 11 -0.42 -3.46 6.76
CA SER A 11 -0.83 -2.25 6.07
C SER A 11 0.11 -1.09 6.38
N SER A 12 0.82 -1.20 7.51
CA SER A 12 1.70 -0.14 7.99
C SER A 12 2.81 0.20 7.00
N LYS A 13 3.22 -0.77 6.20
CA LYS A 13 4.23 -0.52 5.17
C LYS A 13 3.62 0.30 4.04
N CYS A 14 2.50 -0.17 3.54
CA CYS A 14 1.86 0.43 2.38
C CYS A 14 1.40 1.85 2.69
N VAL A 15 0.78 2.05 3.85
CA VAL A 15 0.25 3.37 4.22
C VAL A 15 1.38 4.40 4.34
N LYS A 16 2.62 3.94 4.42
CA LYS A 16 3.76 4.83 4.53
C LYS A 16 4.48 4.93 3.19
N ILE A 17 4.79 3.79 2.60
CA ILE A 17 5.64 3.76 1.42
C ILE A 17 4.88 4.16 0.15
N CYS A 18 3.57 4.01 0.19
CA CYS A 18 2.74 4.39 -0.94
C CYS A 18 2.78 5.90 -1.15
N ILE A 19 3.22 6.61 -0.11
CA ILE A 19 3.40 8.05 -0.20
C ILE A 19 4.68 8.39 -0.94
N ASP A 20 5.64 7.49 -0.88
CA ASP A 20 6.92 7.68 -1.55
C ASP A 20 6.83 7.20 -2.99
N ARG A 21 6.24 6.04 -3.18
CA ARG A 21 6.11 5.44 -4.51
C ARG A 21 5.12 6.22 -5.35
N TYR A 22 3.95 6.50 -4.79
CA TYR A 22 2.90 7.17 -5.52
C TYR A 22 2.70 8.57 -4.96
N ASN A 23 1.56 8.77 -4.33
CA ASN A 23 1.21 10.07 -3.78
C ASN A 23 0.10 9.93 -2.75
N THR A 24 -0.15 8.70 -2.33
CA THR A 24 -1.37 8.42 -1.60
C THR A 24 -1.10 7.86 -0.21
N ARG A 25 -1.75 8.47 0.77
CA ARG A 25 -1.62 8.07 2.16
C ARG A 25 -2.58 6.93 2.49
N GLY A 26 -3.50 6.66 1.58
CA GLY A 26 -4.52 5.66 1.83
C GLY A 26 -4.12 4.33 1.27
N ALA A 27 -3.65 3.44 2.12
CA ALA A 27 -3.24 2.12 1.68
C ALA A 27 -3.63 1.06 2.70
N LYS A 28 -4.04 -0.08 2.20
CA LYS A 28 -4.45 -1.19 3.03
C LYS A 28 -4.06 -2.50 2.36
N CYS A 29 -3.62 -3.46 3.15
CA CYS A 29 -3.20 -4.74 2.61
C CYS A 29 -4.41 -5.65 2.43
N ILE A 30 -4.75 -5.94 1.18
CA ILE A 30 -6.00 -6.63 0.88
C ILE A 30 -5.79 -8.13 0.65
N ASN A 31 -5.04 -8.49 -0.37
CA ASN A 31 -4.87 -9.89 -0.75
C ASN A 31 -3.48 -10.37 -0.35
N GLY A 32 -2.87 -9.63 0.54
CA GLY A 32 -1.52 -9.94 0.95
C GLY A 32 -0.52 -9.00 0.32
N ARG A 33 -1.00 -8.13 -0.57
CA ARG A 33 -0.14 -7.11 -1.16
C ARG A 33 -0.52 -5.74 -0.61
N CYS A 34 0.28 -4.74 -0.95
CA CYS A 34 -0.01 -3.37 -0.57
C CYS A 34 -0.83 -2.67 -1.65
N THR A 35 -2.09 -2.40 -1.33
CA THR A 35 -3.00 -1.75 -2.26
C THR A 35 -3.46 -0.41 -1.70
N CYS A 36 -3.39 0.63 -2.53
CA CYS A 36 -3.72 1.98 -2.08
C CYS A 36 -5.07 2.40 -2.66
N TYR A 37 -5.89 2.98 -1.80
CA TYR A 37 -7.24 3.40 -2.15
C TYR A 37 -7.37 4.90 -1.97
N PRO A 38 -7.04 5.68 -3.01
CA PRO A 38 -7.09 7.14 -2.99
C PRO A 38 -8.52 7.68 -3.15
N ILE A 2 -4.40 1.36 -6.70
CA ILE A 2 -2.95 1.22 -6.74
C ILE A 2 -2.52 -0.08 -6.09
N ASP A 3 -2.50 -1.16 -6.85
CA ASP A 3 -2.10 -2.44 -6.33
C ASP A 3 -0.65 -2.70 -6.69
N THR A 4 0.20 -2.66 -5.69
CA THR A 4 1.63 -2.84 -5.88
C THR A 4 1.97 -4.30 -6.15
N ASN A 5 0.99 -5.18 -5.88
CA ASN A 5 1.17 -6.63 -6.05
C ASN A 5 2.30 -7.11 -5.16
N VAL A 6 2.35 -6.56 -3.97
CA VAL A 6 3.44 -6.81 -3.05
C VAL A 6 2.93 -7.53 -1.81
N LYS A 7 3.20 -8.81 -1.74
CA LYS A 7 2.85 -9.61 -0.58
C LYS A 7 3.38 -8.98 0.69
N CYS A 8 2.46 -8.68 1.61
CA CYS A 8 2.80 -8.00 2.84
C CYS A 8 2.02 -8.59 4.01
N SER A 9 2.62 -8.56 5.18
CA SER A 9 1.94 -8.98 6.39
C SER A 9 1.33 -7.77 7.09
N GLY A 10 2.14 -6.73 7.29
CA GLY A 10 1.66 -5.50 7.87
C GLY A 10 1.44 -4.44 6.82
N SER A 11 0.21 -3.92 6.77
CA SER A 11 -0.18 -2.93 5.77
C SER A 11 0.64 -1.64 5.91
N SER A 12 1.16 -1.41 7.11
CA SER A 12 1.75 -0.13 7.48
C SER A 12 3.01 0.19 6.69
N LYS A 13 3.77 -0.83 6.30
CA LYS A 13 5.03 -0.59 5.61
C LYS A 13 4.83 -0.01 4.21
N CYS A 14 3.62 -0.11 3.70
CA CYS A 14 3.35 0.39 2.36
C CYS A 14 2.62 1.72 2.39
N VAL A 15 1.68 1.87 3.31
CA VAL A 15 0.91 3.10 3.38
C VAL A 15 1.80 4.32 3.59
N LYS A 16 2.87 4.15 4.36
CA LYS A 16 3.80 5.25 4.61
C LYS A 16 4.64 5.57 3.36
N ILE A 17 5.08 4.54 2.66
CA ILE A 17 5.98 4.73 1.52
C ILE A 17 5.21 5.02 0.23
N CYS A 18 4.04 4.43 0.10
CA CYS A 18 3.19 4.65 -1.06
C CYS A 18 2.89 6.14 -1.23
N ILE A 19 2.93 6.86 -0.11
CA ILE A 19 2.78 8.32 -0.11
C ILE A 19 3.87 8.99 -0.94
N ASP A 20 5.09 8.50 -0.82
CA ASP A 20 6.23 9.10 -1.49
C ASP A 20 6.35 8.57 -2.91
N ARG A 21 5.78 7.40 -3.14
CA ARG A 21 5.80 6.77 -4.45
C ARG A 21 4.79 7.42 -5.37
N TYR A 22 3.54 7.46 -4.94
CA TYR A 22 2.47 7.94 -5.79
C TYR A 22 1.97 9.29 -5.29
N ASN A 23 0.79 9.31 -4.72
CA ASN A 23 0.21 10.57 -4.25
C ASN A 23 -0.90 10.31 -3.25
N THR A 24 -0.92 9.11 -2.68
CA THR A 24 -2.00 8.69 -1.82
C THR A 24 -1.50 8.36 -0.42
N ARG A 25 -2.41 8.30 0.53
CA ARG A 25 -2.07 8.13 1.93
C ARG A 25 -2.83 6.94 2.51
N GLY A 26 -3.60 6.27 1.67
CA GLY A 26 -4.45 5.21 2.15
C GLY A 26 -4.13 3.86 1.55
N ALA A 27 -3.00 3.30 1.94
CA ALA A 27 -2.62 1.98 1.47
C ALA A 27 -2.99 0.93 2.51
N LYS A 28 -3.38 -0.23 2.03
CA LYS A 28 -3.78 -1.32 2.89
C LYS A 28 -3.43 -2.65 2.25
N CYS A 29 -2.99 -3.60 3.06
CA CYS A 29 -2.73 -4.93 2.59
C CYS A 29 -4.06 -5.69 2.49
N ILE A 30 -4.58 -5.79 1.28
CA ILE A 30 -5.92 -6.29 1.06
C ILE A 30 -5.93 -7.77 0.67
N ASN A 31 -5.39 -8.08 -0.50
CA ASN A 31 -5.34 -9.44 -1.00
C ASN A 31 -3.99 -10.04 -0.67
N GLY A 32 -3.48 -9.64 0.48
CA GLY A 32 -2.14 -10.03 0.86
C GLY A 32 -1.09 -9.11 0.25
N ARG A 33 -1.56 -8.07 -0.45
CA ARG A 33 -0.66 -7.13 -1.10
C ARG A 33 -1.03 -5.71 -0.71
N CYS A 34 -0.06 -4.81 -0.84
CA CYS A 34 -0.30 -3.40 -0.54
C CYS A 34 -1.07 -2.73 -1.68
N THR A 35 -2.29 -2.34 -1.40
CA THR A 35 -3.07 -1.61 -2.36
C THR A 35 -3.40 -0.22 -1.82
N CYS A 36 -3.10 0.80 -2.61
CA CYS A 36 -3.31 2.18 -2.21
C CYS A 36 -4.61 2.70 -2.81
N TYR A 37 -5.45 3.25 -1.94
CA TYR A 37 -6.74 3.78 -2.35
C TYR A 37 -6.74 5.31 -2.24
N PRO A 38 -6.40 6.00 -3.33
CA PRO A 38 -6.44 7.45 -3.39
C PRO A 38 -7.85 7.99 -3.54
N ILE A 2 -4.31 1.47 -6.29
CA ILE A 2 -2.91 1.22 -6.58
C ILE A 2 -2.51 -0.18 -6.11
N ASP A 3 -2.46 -1.12 -7.02
CA ASP A 3 -1.96 -2.44 -6.69
C ASP A 3 -0.47 -2.50 -6.92
N THR A 4 0.28 -2.38 -5.82
CA THR A 4 1.73 -2.36 -5.88
C THR A 4 2.28 -3.76 -6.18
N ASN A 5 1.40 -4.76 -6.10
CA ASN A 5 1.78 -6.15 -6.33
C ASN A 5 2.86 -6.55 -5.34
N VAL A 6 2.63 -6.19 -4.09
CA VAL A 6 3.60 -6.37 -3.04
C VAL A 6 3.05 -7.26 -1.95
N LYS A 7 3.50 -8.50 -1.93
CA LYS A 7 3.15 -9.44 -0.89
C LYS A 7 3.54 -8.87 0.47
N CYS A 8 2.56 -8.71 1.36
CA CYS A 8 2.79 -8.03 2.61
C CYS A 8 2.21 -8.80 3.80
N SER A 9 2.71 -8.47 4.98
CA SER A 9 2.13 -8.96 6.21
C SER A 9 1.73 -7.77 7.09
N GLY A 10 1.96 -6.57 6.57
CA GLY A 10 1.63 -5.35 7.27
C GLY A 10 1.30 -4.23 6.30
N SER A 11 0.34 -3.41 6.67
CA SER A 11 -0.11 -2.33 5.81
C SER A 11 0.69 -1.05 6.06
N SER A 12 1.19 -0.91 7.28
CA SER A 12 1.79 0.34 7.74
C SER A 12 3.00 0.74 6.89
N LYS A 13 3.84 -0.23 6.55
CA LYS A 13 5.02 0.06 5.75
C LYS A 13 4.62 0.55 4.36
N CYS A 14 3.47 0.11 3.88
CA CYS A 14 3.01 0.46 2.55
C CYS A 14 2.28 1.79 2.52
N VAL A 15 1.39 2.00 3.46
CA VAL A 15 0.58 3.21 3.48
C VAL A 15 1.44 4.46 3.58
N LYS A 16 2.57 4.37 4.29
CA LYS A 16 3.46 5.50 4.42
C LYS A 16 4.32 5.68 3.17
N ILE A 17 4.73 4.57 2.56
CA ILE A 17 5.65 4.62 1.43
C ILE A 17 4.90 4.84 0.12
N CYS A 18 3.63 4.47 0.11
CA CYS A 18 2.78 4.69 -1.05
C CYS A 18 2.64 6.20 -1.32
N ILE A 19 2.90 7.00 -0.30
CA ILE A 19 2.89 8.44 -0.43
C ILE A 19 4.13 8.92 -1.16
N ASP A 20 5.23 8.22 -0.96
CA ASP A 20 6.51 8.57 -1.58
C ASP A 20 6.58 8.00 -2.99
N ARG A 21 6.16 6.75 -3.13
CA ARG A 21 6.18 6.06 -4.42
C ARG A 21 5.16 6.67 -5.36
N TYR A 22 4.00 7.03 -4.83
CA TYR A 22 2.96 7.63 -5.64
C TYR A 22 2.58 8.99 -5.05
N ASN A 23 1.39 9.07 -4.47
CA ASN A 23 0.93 10.30 -3.83
C ASN A 23 -0.24 10.04 -2.90
N THR A 24 -0.60 8.78 -2.73
CA THR A 24 -1.82 8.43 -2.02
C THR A 24 -1.53 7.88 -0.63
N ARG A 25 -2.50 8.03 0.25
CA ARG A 25 -2.31 7.80 1.68
C ARG A 25 -3.20 6.68 2.22
N GLY A 26 -3.75 5.85 1.34
CA GLY A 26 -4.72 4.86 1.78
C GLY A 26 -4.37 3.46 1.37
N ALA A 27 -3.18 3.00 1.72
CA ALA A 27 -2.75 1.66 1.31
C ALA A 27 -2.98 0.66 2.43
N LYS A 28 -3.60 -0.44 2.09
CA LYS A 28 -3.89 -1.50 3.04
C LYS A 28 -3.45 -2.85 2.50
N CYS A 29 -2.89 -3.67 3.38
CA CYS A 29 -2.52 -5.02 3.03
C CYS A 29 -3.77 -5.89 3.13
N ILE A 30 -4.46 -6.05 2.01
CA ILE A 30 -5.79 -6.64 2.03
C ILE A 30 -5.86 -7.94 1.24
N ASN A 31 -5.52 -7.91 -0.04
CA ASN A 31 -5.60 -9.09 -0.88
C ASN A 31 -4.24 -9.77 -0.93
N GLY A 32 -3.58 -9.82 0.22
CA GLY A 32 -2.25 -10.38 0.30
C GLY A 32 -1.19 -9.43 -0.21
N ARG A 33 -1.62 -8.27 -0.67
CA ARG A 33 -0.73 -7.24 -1.15
C ARG A 33 -1.22 -5.87 -0.70
N CYS A 34 -0.36 -4.87 -0.81
CA CYS A 34 -0.71 -3.51 -0.44
C CYS A 34 -1.43 -2.81 -1.58
N THR A 35 -2.72 -2.63 -1.43
CA THR A 35 -3.50 -1.87 -2.38
C THR A 35 -3.74 -0.46 -1.84
N CYS A 36 -3.40 0.55 -2.63
CA CYS A 36 -3.50 1.93 -2.22
C CYS A 36 -4.76 2.56 -2.79
N TYR A 37 -5.60 3.07 -1.91
CA TYR A 37 -6.88 3.65 -2.29
C TYR A 37 -6.83 5.17 -2.19
N PRO A 38 -6.56 5.86 -3.32
CA PRO A 38 -6.53 7.32 -3.39
C PRO A 38 -7.93 7.93 -3.52
N ILE A 2 -4.49 1.50 -6.70
CA ILE A 2 -3.04 1.42 -6.68
C ILE A 2 -2.58 0.14 -6.00
N ASP A 3 -2.14 -0.80 -6.80
CA ASP A 3 -1.52 -2.00 -6.29
C ASP A 3 -0.01 -1.88 -6.46
N THR A 4 0.71 -1.99 -5.35
CA THR A 4 2.15 -1.79 -5.37
C THR A 4 2.87 -3.03 -5.90
N ASN A 5 2.11 -4.10 -6.15
CA ASN A 5 2.66 -5.40 -6.53
C ASN A 5 3.60 -5.87 -5.44
N VAL A 6 3.17 -5.62 -4.22
CA VAL A 6 3.95 -5.91 -3.03
C VAL A 6 3.11 -6.68 -2.03
N LYS A 7 3.46 -7.93 -1.81
CA LYS A 7 2.78 -8.74 -0.80
C LYS A 7 3.00 -8.12 0.57
N CYS A 8 1.93 -8.00 1.32
CA CYS A 8 1.96 -7.23 2.54
C CYS A 8 2.06 -8.12 3.78
N SER A 9 3.01 -7.78 4.65
CA SER A 9 3.08 -8.37 5.97
C SER A 9 2.63 -7.34 6.99
N GLY A 10 1.99 -6.30 6.49
CA GLY A 10 1.52 -5.20 7.31
C GLY A 10 1.13 -4.03 6.45
N SER A 11 0.02 -3.38 6.76
CA SER A 11 -0.48 -2.28 5.95
C SER A 11 0.40 -1.04 6.07
N SER A 12 1.08 -0.91 7.19
CA SER A 12 1.80 0.32 7.52
C SER A 12 2.98 0.59 6.58
N LYS A 13 3.76 -0.43 6.25
CA LYS A 13 4.87 -0.24 5.33
C LYS A 13 4.36 0.21 3.96
N CYS A 14 3.19 -0.30 3.60
CA CYS A 14 2.58 0.00 2.32
C CYS A 14 2.18 1.46 2.24
N VAL A 15 1.33 1.87 3.18
CA VAL A 15 0.83 3.23 3.22
C VAL A 15 1.96 4.25 3.30
N LYS A 16 3.01 3.88 4.02
CA LYS A 16 4.18 4.75 4.16
C LYS A 16 4.87 4.97 2.82
N ILE A 17 5.20 3.88 2.14
CA ILE A 17 5.98 3.96 0.91
C ILE A 17 5.11 4.32 -0.29
N CYS A 18 3.83 4.01 -0.18
CA CYS A 18 2.88 4.30 -1.24
C CYS A 18 2.75 5.82 -1.43
N ILE A 19 3.05 6.57 -0.38
CA ILE A 19 3.05 8.02 -0.46
C ILE A 19 4.27 8.53 -1.23
N ASP A 20 5.42 7.89 -0.99
CA ASP A 20 6.67 8.34 -1.58
C ASP A 20 6.73 7.92 -3.03
N ARG A 21 6.23 6.72 -3.31
CA ARG A 21 6.16 6.19 -4.65
C ARG A 21 5.15 6.97 -5.48
N TYR A 22 3.91 7.03 -5.00
CA TYR A 22 2.83 7.61 -5.78
C TYR A 22 2.38 8.94 -5.22
N ASN A 23 1.26 8.92 -4.50
CA ASN A 23 0.62 10.14 -4.03
C ASN A 23 -0.35 9.88 -2.87
N THR A 24 -0.70 8.63 -2.65
CA THR A 24 -1.83 8.31 -1.79
C THR A 24 -1.36 7.85 -0.41
N ARG A 25 -2.28 7.86 0.53
CA ARG A 25 -1.98 7.72 1.94
C ARG A 25 -2.98 6.79 2.62
N GLY A 26 -3.73 6.07 1.81
CA GLY A 26 -4.73 5.17 2.34
C GLY A 26 -4.56 3.78 1.79
N ALA A 27 -3.61 3.04 2.35
CA ALA A 27 -3.31 1.71 1.85
C ALA A 27 -3.68 0.65 2.88
N LYS A 28 -4.21 -0.46 2.39
CA LYS A 28 -4.63 -1.54 3.25
C LYS A 28 -4.01 -2.85 2.79
N CYS A 29 -3.52 -3.64 3.74
CA CYS A 29 -3.11 -5.00 3.47
C CYS A 29 -4.34 -5.88 3.43
N ILE A 30 -4.77 -6.24 2.23
CA ILE A 30 -6.07 -6.89 2.07
C ILE A 30 -5.99 -8.20 1.28
N ASN A 31 -5.62 -8.13 0.01
CA ASN A 31 -5.64 -9.30 -0.86
C ASN A 31 -4.28 -9.97 -0.91
N GLY A 32 -3.56 -9.91 0.20
CA GLY A 32 -2.23 -10.49 0.26
C GLY A 32 -1.17 -9.49 -0.12
N ARG A 33 -1.60 -8.37 -0.69
CA ARG A 33 -0.68 -7.33 -1.09
C ARG A 33 -1.19 -5.97 -0.64
N CYS A 34 -0.34 -4.96 -0.76
CA CYS A 34 -0.70 -3.61 -0.40
C CYS A 34 -1.59 -2.99 -1.46
N THR A 35 -2.77 -2.54 -1.05
CA THR A 35 -3.67 -1.85 -1.95
C THR A 35 -3.91 -0.42 -1.49
N CYS A 36 -3.56 0.52 -2.34
CA CYS A 36 -3.72 1.93 -2.02
C CYS A 36 -4.99 2.48 -2.64
N TYR A 37 -5.83 3.08 -1.80
CA TYR A 37 -7.07 3.68 -2.24
C TYR A 37 -6.91 5.20 -2.23
N PRO A 38 -6.52 5.78 -3.37
CA PRO A 38 -6.26 7.22 -3.50
C PRO A 38 -7.54 8.03 -3.48
N ILE A 2 -4.09 1.69 -6.94
CA ILE A 2 -2.66 1.41 -6.98
C ILE A 2 -2.33 0.17 -6.16
N ASP A 3 -2.20 -0.96 -6.83
CA ASP A 3 -1.69 -2.14 -6.16
C ASP A 3 -0.30 -2.41 -6.69
N THR A 4 0.65 -2.58 -5.78
CA THR A 4 2.04 -2.73 -6.16
C THR A 4 2.37 -4.17 -6.49
N ASN A 5 1.37 -5.04 -6.39
CA ASN A 5 1.57 -6.48 -6.57
C ASN A 5 2.66 -6.96 -5.61
N VAL A 6 2.56 -6.45 -4.40
CA VAL A 6 3.56 -6.69 -3.37
C VAL A 6 2.88 -7.15 -2.09
N LYS A 7 3.14 -8.39 -1.71
CA LYS A 7 2.62 -8.95 -0.48
C LYS A 7 2.95 -8.03 0.69
N CYS A 8 1.99 -7.85 1.59
CA CYS A 8 2.09 -6.79 2.59
C CYS A 8 2.99 -7.22 3.75
N SER A 9 3.86 -6.30 4.14
CA SER A 9 4.77 -6.53 5.25
C SER A 9 4.19 -5.92 6.53
N GLY A 10 2.90 -6.12 6.74
CA GLY A 10 2.25 -5.60 7.93
C GLY A 10 1.32 -4.43 7.65
N SER A 11 0.87 -4.33 6.40
CA SER A 11 -0.08 -3.30 5.94
C SER A 11 0.48 -1.87 5.99
N SER A 12 1.03 -1.47 7.14
CA SER A 12 1.46 -0.09 7.36
C SER A 12 2.60 0.31 6.42
N LYS A 13 3.49 -0.64 6.13
CA LYS A 13 4.61 -0.41 5.22
C LYS A 13 4.12 0.21 3.91
N CYS A 14 3.05 -0.36 3.38
CA CYS A 14 2.49 0.08 2.12
C CYS A 14 1.90 1.46 2.25
N VAL A 15 1.17 1.68 3.34
CA VAL A 15 0.54 2.97 3.61
C VAL A 15 1.58 4.08 3.60
N LYS A 16 2.73 3.77 4.16
CA LYS A 16 3.81 4.73 4.28
C LYS A 16 4.50 4.97 2.94
N ILE A 17 4.98 3.89 2.33
CA ILE A 17 5.84 4.01 1.17
C ILE A 17 5.08 4.35 -0.09
N CYS A 18 3.83 3.95 -0.16
CA CYS A 18 2.99 4.25 -1.31
C CYS A 18 2.83 5.77 -1.46
N ILE A 19 2.94 6.49 -0.34
CA ILE A 19 2.87 7.94 -0.35
C ILE A 19 4.12 8.54 -0.98
N ASP A 20 5.28 8.03 -0.58
CA ASP A 20 6.55 8.59 -1.03
C ASP A 20 6.75 8.32 -2.52
N ARG A 21 6.30 7.16 -2.95
CA ARG A 21 6.43 6.74 -4.34
C ARG A 21 5.40 7.42 -5.24
N TYR A 22 4.16 7.47 -4.81
CA TYR A 22 3.12 8.04 -5.65
C TYR A 22 2.45 9.21 -4.93
N ASN A 23 1.17 9.02 -4.62
CA ASN A 23 0.39 10.03 -3.92
C ASN A 23 -0.85 9.37 -3.32
N THR A 24 -0.73 8.94 -2.08
CA THR A 24 -1.80 8.23 -1.42
C THR A 24 -1.99 8.76 0.00
N ARG A 25 -3.20 8.62 0.51
CA ARG A 25 -3.46 8.97 1.90
C ARG A 25 -3.90 7.74 2.66
N GLY A 26 -3.84 6.59 2.00
CA GLY A 26 -4.25 5.36 2.63
C GLY A 26 -3.98 4.15 1.75
N ALA A 27 -3.30 3.17 2.32
CA ALA A 27 -3.08 1.90 1.66
C ALA A 27 -3.49 0.78 2.62
N LYS A 28 -3.76 -0.39 2.09
CA LYS A 28 -4.22 -1.49 2.93
C LYS A 28 -3.78 -2.83 2.38
N CYS A 29 -3.69 -3.81 3.27
CA CYS A 29 -3.45 -5.17 2.88
C CYS A 29 -4.78 -5.90 2.80
N ILE A 30 -5.30 -6.06 1.59
CA ILE A 30 -6.66 -6.55 1.42
C ILE A 30 -6.69 -8.04 1.09
N ASN A 31 -5.91 -8.44 0.09
CA ASN A 31 -5.91 -9.84 -0.34
C ASN A 31 -4.53 -10.44 -0.08
N GLY A 32 -3.79 -9.81 0.81
CA GLY A 32 -2.47 -10.31 1.16
C GLY A 32 -1.35 -9.44 0.64
N ARG A 33 -1.70 -8.45 -0.18
CA ARG A 33 -0.71 -7.54 -0.71
C ARG A 33 -1.15 -6.10 -0.55
N CYS A 34 -0.24 -5.17 -0.82
CA CYS A 34 -0.51 -3.75 -0.65
C CYS A 34 -1.39 -3.21 -1.76
N THR A 35 -2.51 -2.62 -1.37
CA THR A 35 -3.38 -1.92 -2.28
C THR A 35 -3.62 -0.51 -1.78
N CYS A 36 -3.29 0.47 -2.59
CA CYS A 36 -3.40 1.86 -2.20
C CYS A 36 -4.69 2.46 -2.74
N TYR A 37 -5.37 3.22 -1.91
CA TYR A 37 -6.60 3.87 -2.31
C TYR A 37 -6.43 5.38 -2.24
N PRO A 38 -5.88 5.97 -3.31
CA PRO A 38 -5.63 7.41 -3.39
C PRO A 38 -6.92 8.20 -3.54
N ILE A 2 -4.23 1.72 -6.47
CA ILE A 2 -2.85 1.50 -6.84
C ILE A 2 -2.32 0.22 -6.21
N ASP A 3 -1.97 -0.75 -7.03
CA ASP A 3 -1.37 -1.97 -6.53
C ASP A 3 0.13 -1.91 -6.72
N THR A 4 0.86 -2.24 -5.66
CA THR A 4 2.30 -2.36 -5.75
C THR A 4 2.65 -3.71 -6.36
N ASN A 5 1.70 -4.63 -6.26
CA ASN A 5 1.83 -5.99 -6.77
C ASN A 5 2.88 -6.72 -5.97
N VAL A 6 2.85 -6.41 -4.68
CA VAL A 6 3.84 -6.84 -3.74
C VAL A 6 3.20 -7.17 -2.40
N LYS A 7 3.48 -8.36 -1.87
CA LYS A 7 2.94 -8.80 -0.59
C LYS A 7 3.47 -7.93 0.54
N CYS A 8 2.64 -7.70 1.54
CA CYS A 8 3.00 -6.86 2.66
C CYS A 8 3.08 -7.65 3.95
N SER A 9 3.89 -7.18 4.89
CA SER A 9 3.96 -7.78 6.22
C SER A 9 2.78 -7.31 7.05
N GLY A 10 2.44 -6.04 6.89
CA GLY A 10 1.30 -5.47 7.54
C GLY A 10 0.74 -4.32 6.74
N SER A 11 -0.43 -3.85 7.11
CA SER A 11 -1.12 -2.81 6.37
C SER A 11 -0.26 -1.53 6.26
N SER A 12 0.60 -1.34 7.25
CA SER A 12 1.41 -0.12 7.33
C SER A 12 2.54 -0.10 6.30
N LYS A 13 2.75 -1.21 5.62
CA LYS A 13 3.84 -1.31 4.65
C LYS A 13 3.62 -0.37 3.47
N CYS A 14 2.47 -0.47 2.84
CA CYS A 14 2.18 0.32 1.67
C CYS A 14 1.81 1.76 2.01
N VAL A 15 1.03 1.94 3.07
CA VAL A 15 0.48 3.25 3.40
C VAL A 15 1.57 4.31 3.61
N LYS A 16 2.76 3.89 4.01
CA LYS A 16 3.86 4.83 4.19
C LYS A 16 4.63 5.04 2.89
N ILE A 17 4.86 3.97 2.15
CA ILE A 17 5.71 4.03 0.97
C ILE A 17 4.94 4.49 -0.26
N CYS A 18 3.66 4.22 -0.27
CA CYS A 18 2.79 4.64 -1.37
C CYS A 18 2.80 6.16 -1.48
N ILE A 19 3.19 6.83 -0.40
CA ILE A 19 3.31 8.27 -0.38
C ILE A 19 4.62 8.72 -1.03
N ASP A 20 5.65 7.89 -0.93
CA ASP A 20 6.97 8.27 -1.41
C ASP A 20 7.08 7.99 -2.89
N ARG A 21 6.35 6.98 -3.33
CA ARG A 21 6.39 6.54 -4.70
C ARG A 21 5.32 7.24 -5.52
N TYR A 22 4.12 7.34 -4.98
CA TYR A 22 3.00 7.90 -5.69
C TYR A 22 2.62 9.25 -5.10
N ASN A 23 1.45 9.32 -4.47
CA ASN A 23 0.98 10.59 -3.90
C ASN A 23 -0.12 10.39 -2.87
N THR A 24 -0.43 9.15 -2.52
CA THR A 24 -1.57 8.88 -1.68
C THR A 24 -1.17 8.27 -0.34
N ARG A 25 -1.89 8.69 0.69
CA ARG A 25 -1.65 8.22 2.05
C ARG A 25 -2.61 7.10 2.43
N GLY A 26 -3.38 6.63 1.46
CA GLY A 26 -4.38 5.62 1.74
C GLY A 26 -4.03 4.29 1.13
N ALA A 27 -3.54 3.37 1.95
CA ALA A 27 -3.23 2.02 1.48
C ALA A 27 -3.59 0.99 2.53
N LYS A 28 -4.13 -0.13 2.08
CA LYS A 28 -4.53 -1.19 2.97
C LYS A 28 -4.13 -2.55 2.39
N CYS A 29 -3.71 -3.45 3.25
CA CYS A 29 -3.44 -4.82 2.84
C CYS A 29 -4.76 -5.59 2.75
N ILE A 30 -4.94 -6.33 1.67
CA ILE A 30 -6.24 -6.94 1.40
C ILE A 30 -6.13 -8.46 1.28
N ASN A 31 -5.29 -8.92 0.38
CA ASN A 31 -5.12 -10.35 0.17
C ASN A 31 -3.64 -10.69 0.20
N GLY A 32 -3.03 -10.43 1.34
CA GLY A 32 -1.59 -10.65 1.50
C GLY A 32 -0.78 -9.53 0.88
N ARG A 33 -1.35 -8.88 -0.13
CA ARG A 33 -0.70 -7.77 -0.81
C ARG A 33 -1.41 -6.47 -0.45
N CYS A 34 -0.66 -5.38 -0.42
CA CYS A 34 -1.21 -4.08 -0.06
C CYS A 34 -1.60 -3.28 -1.30
N THR A 35 -2.71 -2.57 -1.21
CA THR A 35 -3.21 -1.76 -2.29
C THR A 35 -3.55 -0.36 -1.80
N CYS A 36 -3.33 0.64 -2.63
CA CYS A 36 -3.60 2.03 -2.25
C CYS A 36 -4.96 2.46 -2.77
N TYR A 37 -5.81 2.92 -1.87
CA TYR A 37 -7.14 3.37 -2.21
C TYR A 37 -7.30 4.86 -1.88
N PRO A 38 -6.91 5.73 -2.83
CA PRO A 38 -7.07 7.18 -2.67
C PRO A 38 -8.53 7.60 -2.77
#